data_1VRR
#
_entry.id   1VRR
#
_cell.length_a   78.580
_cell.length_b   110.910
_cell.length_c   80.080
_cell.angle_alpha   90.00
_cell.angle_beta   107.17
_cell.angle_gamma   90.00
#
_symmetry.space_group_name_H-M   'C 1 2 1'
#
loop_
_entity.id
_entity.type
_entity.pdbx_description
1 polymer "5'-D(*TP*TP*AP*TP*AP*GP*AP*TP*CP*TP*AP*TP*AP*A)-3'"
2 polymer BstYI
3 water water
#
loop_
_entity_poly.entity_id
_entity_poly.type
_entity_poly.pdbx_seq_one_letter_code
_entity_poly.pdbx_strand_id
1 'polydeoxyribonucleotide' (DT)(DT)(DA)(DT)(DA)(DG)(DA)(DT)(DC)(DT)(DA)(DT)(DA)(DA) C,D
2 'polypeptide(L)'
;MRIVEVYSHLNGLEYIQVHLPHIWEEIQEIIVSIDAEACRTKESKEKTKQGQILYSPVALNEAFKEKLEAKGWKESRTNY
YVTADPKLIRETLSLEPEEQKKVIEAAGKEALKSYNQTDFVKDRVAIEVQFGKYSFVAYDLFVKHMAFYVSDKIDVGVEI
LPMKELSKEMSSGISYYEGELYNVIRQGRGVPAVPLVLIGIAP
;
A,B
#
loop_
_chem_comp.id
_chem_comp.type
_chem_comp.name
_chem_comp.formula
DA DNA linking 2'-DEOXYADENOSINE-5'-MONOPHOSPHATE 'C10 H14 N5 O6 P'
DC DNA linking 2'-DEOXYCYTIDINE-5'-MONOPHOSPHATE 'C9 H14 N3 O7 P'
DG DNA linking 2'-DEOXYGUANOSINE-5'-MONOPHOSPHATE 'C10 H14 N5 O7 P'
DT DNA linking THYMIDINE-5'-MONOPHOSPHATE 'C10 H15 N2 O8 P'
#
# COMPACT_ATOMS: atom_id res chain seq x y z
N MET C 1 9.63 16.42 -19.52
CA MET C 1 9.71 16.51 -18.03
C MET C 1 11.16 16.32 -17.59
N ARG C 2 11.44 16.53 -16.29
CA ARG C 2 12.80 16.39 -15.79
C ARG C 2 12.92 15.51 -14.55
N ILE C 3 13.94 14.64 -14.58
CA ILE C 3 14.21 13.72 -13.49
C ILE C 3 14.84 14.55 -12.39
N VAL C 4 14.01 15.03 -11.47
CA VAL C 4 14.48 15.87 -10.37
C VAL C 4 15.25 15.10 -9.32
N GLU C 5 14.72 13.95 -8.92
CA GLU C 5 15.35 13.09 -7.91
C GLU C 5 15.42 11.64 -8.37
N VAL C 6 16.47 10.93 -7.96
CA VAL C 6 16.61 9.52 -8.29
C VAL C 6 17.30 8.74 -7.16
N TYR C 7 16.59 7.78 -6.58
CA TYR C 7 17.12 6.97 -5.50
C TYR C 7 17.29 5.53 -5.92
N SER C 8 18.40 4.91 -5.54
CA SER C 8 18.69 3.53 -5.90
C SER C 8 18.67 2.62 -4.68
N HIS C 9 17.66 1.74 -4.60
CA HIS C 9 17.51 0.82 -3.48
C HIS C 9 18.19 -0.50 -3.81
N LEU C 10 19.01 -0.97 -2.87
CA LEU C 10 19.76 -2.21 -3.04
C LEU C 10 20.42 -2.33 -4.41
N ASN C 11 21.06 -1.25 -4.83
CA ASN C 11 21.77 -1.20 -6.11
C ASN C 11 20.88 -1.45 -7.34
N GLY C 12 19.63 -0.99 -7.31
CA GLY C 12 18.76 -1.22 -8.43
C GLY C 12 19.20 -0.50 -9.69
N LEU C 13 19.72 0.71 -9.54
CA LEU C 13 20.18 1.46 -10.69
C LEU C 13 21.49 0.89 -11.25
N GLU C 14 22.45 0.64 -10.37
CA GLU C 14 23.73 0.11 -10.84
C GLU C 14 23.54 -1.18 -11.61
N TYR C 15 22.47 -1.91 -11.32
CA TYR C 15 22.22 -3.15 -12.06
C TYR C 15 21.84 -2.81 -13.49
N ILE C 16 20.95 -1.83 -13.66
CA ILE C 16 20.53 -1.44 -15.00
C ILE C 16 21.74 -0.91 -15.79
N GLN C 17 22.51 -0.01 -15.16
CA GLN C 17 23.69 0.58 -15.78
C GLN C 17 24.69 -0.44 -16.32
N VAL C 18 24.90 -1.52 -15.58
CA VAL C 18 25.85 -2.54 -16.00
C VAL C 18 25.31 -3.58 -16.97
N HIS C 19 24.02 -3.88 -16.91
CA HIS C 19 23.48 -4.88 -17.82
C HIS C 19 22.56 -4.37 -18.92
N LEU C 20 21.96 -3.21 -18.71
CA LEU C 20 21.06 -2.66 -19.71
C LEU C 20 21.28 -1.16 -19.79
N PRO C 21 22.54 -0.72 -19.83
CA PRO C 21 22.82 0.72 -19.90
C PRO C 21 21.90 1.47 -20.85
N HIS C 22 21.47 0.82 -21.93
CA HIS C 22 20.60 1.50 -22.88
C HIS C 22 19.22 1.78 -22.31
N ILE C 23 18.75 0.87 -21.44
CA ILE C 23 17.44 1.03 -20.82
C ILE C 23 17.45 2.31 -20.01
N TRP C 24 18.53 2.54 -19.27
CA TRP C 24 18.63 3.73 -18.45
C TRP C 24 18.50 4.96 -19.35
N GLU C 25 19.19 4.95 -20.49
CA GLU C 25 19.11 6.05 -21.44
C GLU C 25 17.64 6.22 -21.82
N GLU C 26 17.08 5.14 -22.35
CA GLU C 26 15.70 5.07 -22.78
C GLU C 26 14.75 5.71 -21.78
N ILE C 27 14.78 5.23 -20.54
CA ILE C 27 13.92 5.75 -19.49
C ILE C 27 14.09 7.26 -19.32
N GLN C 28 15.33 7.71 -19.21
CA GLN C 28 15.60 9.14 -19.04
C GLN C 28 15.05 9.94 -20.21
N GLU C 29 15.37 9.50 -21.42
CA GLU C 29 14.90 10.15 -22.65
C GLU C 29 13.39 10.27 -22.62
N ILE C 30 12.72 9.14 -22.44
CA ILE C 30 11.27 9.13 -22.39
C ILE C 30 10.74 10.17 -21.42
N ILE C 31 11.31 10.23 -20.22
CA ILE C 31 10.83 11.21 -19.24
C ILE C 31 11.02 12.64 -19.73
N VAL C 32 12.23 12.94 -20.22
CA VAL C 32 12.55 14.29 -20.68
C VAL C 32 11.69 14.77 -21.86
N SER C 33 11.22 13.82 -22.67
CA SER C 33 10.42 14.13 -23.85
C SER C 33 8.96 14.54 -23.60
N ILE C 34 8.36 14.02 -22.54
CA ILE C 34 6.97 14.35 -22.23
C ILE C 34 6.77 15.82 -21.84
N ASP C 35 5.78 16.46 -22.47
CA ASP C 35 5.49 17.85 -22.16
C ASP C 35 4.40 17.86 -21.10
N ALA C 36 4.78 18.02 -19.85
CA ALA C 36 3.81 18.02 -18.77
C ALA C 36 2.79 19.15 -18.92
N GLU C 37 3.25 20.31 -19.39
CA GLU C 37 2.36 21.46 -19.56
C GLU C 37 1.21 21.15 -20.51
N ALA C 38 1.44 20.23 -21.44
CA ALA C 38 0.39 19.85 -22.38
C ALA C 38 -0.62 18.95 -21.68
N CYS C 39 -0.22 18.44 -20.52
CA CYS C 39 -1.09 17.56 -19.75
C CYS C 39 -1.83 18.29 -18.64
N ARG C 40 -1.75 19.61 -18.62
CA ARG C 40 -2.44 20.40 -17.60
C ARG C 40 -3.86 20.70 -18.04
N THR C 41 -4.73 19.70 -17.96
CA THR C 41 -6.10 19.85 -18.41
C THR C 41 -7.23 19.62 -17.38
N LYS C 42 -6.94 18.90 -16.30
CA LYS C 42 -7.96 18.63 -15.28
C LYS C 42 -8.35 19.85 -14.45
N GLU C 43 -9.65 20.14 -14.41
CA GLU C 43 -10.17 21.25 -13.63
C GLU C 43 -10.66 20.68 -12.31
N SER C 44 -9.88 20.85 -11.26
CA SER C 44 -10.27 20.33 -9.96
C SER C 44 -11.71 20.71 -9.60
N LYS C 45 -12.39 19.81 -8.91
CA LYS C 45 -13.76 20.05 -8.49
C LYS C 45 -13.91 19.96 -6.97
N GLU C 46 -12.78 19.87 -6.27
CA GLU C 46 -12.78 19.78 -4.82
C GLU C 46 -13.17 21.15 -4.26
N LYS C 47 -13.83 21.16 -3.10
CA LYS C 47 -14.24 22.42 -2.49
C LYS C 47 -13.05 23.31 -2.15
N THR C 48 -11.88 22.71 -1.89
CA THR C 48 -10.71 23.49 -1.53
C THR C 48 -9.90 24.06 -2.71
N LYS C 49 -9.95 23.39 -3.85
CA LYS C 49 -9.20 23.85 -5.02
C LYS C 49 -10.10 24.39 -6.12
N GLN C 50 -11.32 24.75 -5.74
CA GLN C 50 -12.33 25.27 -6.65
C GLN C 50 -11.77 26.11 -7.80
N GLY C 51 -12.24 25.81 -9.01
CA GLY C 51 -11.79 26.54 -10.19
C GLY C 51 -10.29 26.68 -10.41
N GLN C 52 -9.55 25.59 -10.22
CA GLN C 52 -8.11 25.60 -10.40
C GLN C 52 -7.73 24.62 -11.51
N ILE C 53 -6.62 24.86 -12.20
CA ILE C 53 -6.21 23.96 -13.28
C ILE C 53 -4.99 23.15 -12.87
N LEU C 54 -5.20 21.83 -12.69
CA LEU C 54 -4.16 20.89 -12.29
C LEU C 54 -3.65 20.03 -13.44
N TYR C 55 -2.58 19.29 -13.20
CA TYR C 55 -2.04 18.40 -14.23
C TYR C 55 -2.89 17.14 -14.17
N SER C 56 -3.19 16.56 -15.33
CA SER C 56 -4.01 15.35 -15.39
C SER C 56 -3.25 14.04 -15.37
N PRO C 57 -3.56 13.17 -14.39
CA PRO C 57 -2.89 11.88 -14.29
C PRO C 57 -3.24 11.06 -15.52
N VAL C 58 -4.44 11.30 -16.03
CA VAL C 58 -4.93 10.62 -17.20
C VAL C 58 -4.07 10.97 -18.40
N ALA C 59 -3.79 12.26 -18.55
CA ALA C 59 -2.98 12.73 -19.66
C ALA C 59 -1.53 12.25 -19.49
N LEU C 60 -1.00 12.45 -18.29
CA LEU C 60 0.37 12.05 -18.00
C LEU C 60 0.57 10.57 -18.23
N ASN C 61 -0.46 9.77 -17.97
CA ASN C 61 -0.36 8.33 -18.16
C ASN C 61 -0.36 7.99 -19.65
N GLU C 62 -1.25 8.62 -20.41
CA GLU C 62 -1.34 8.41 -21.85
C GLU C 62 -0.01 8.75 -22.49
N ALA C 63 0.61 9.82 -21.99
CA ALA C 63 1.89 10.26 -22.50
C ALA C 63 2.96 9.18 -22.28
N PHE C 64 3.00 8.64 -21.07
CA PHE C 64 3.97 7.59 -20.72
C PHE C 64 3.72 6.29 -21.47
N LYS C 65 2.46 5.88 -21.57
CA LYS C 65 2.09 4.63 -22.25
C LYS C 65 2.57 4.64 -23.70
N GLU C 66 2.03 5.57 -24.47
CA GLU C 66 2.36 5.76 -25.87
C GLU C 66 3.87 5.66 -26.07
N LYS C 67 4.61 6.50 -25.37
CA LYS C 67 6.07 6.53 -25.47
C LYS C 67 6.72 5.20 -25.10
N LEU C 68 6.39 4.67 -23.93
CA LEU C 68 6.97 3.42 -23.45
C LEU C 68 6.67 2.20 -24.32
N GLU C 69 5.40 2.04 -24.72
CA GLU C 69 5.03 0.91 -25.57
C GLU C 69 5.81 1.01 -26.87
N ALA C 70 5.92 2.23 -27.38
CA ALA C 70 6.66 2.49 -28.61
C ALA C 70 8.09 1.99 -28.48
N LYS C 71 8.60 1.91 -27.26
CA LYS C 71 9.97 1.45 -27.06
C LYS C 71 10.08 -0.02 -26.78
N GLY C 72 8.95 -0.73 -26.81
CA GLY C 72 8.97 -2.17 -26.60
C GLY C 72 8.50 -2.63 -25.24
N TRP C 73 8.17 -1.72 -24.34
CA TRP C 73 7.70 -2.10 -23.01
C TRP C 73 6.28 -2.64 -23.12
N LYS C 74 6.12 -3.92 -22.76
CA LYS C 74 4.81 -4.56 -22.85
C LYS C 74 4.24 -4.81 -21.45
N GLU C 75 2.94 -5.11 -21.40
CA GLU C 75 2.28 -5.37 -20.13
C GLU C 75 2.45 -6.82 -19.71
N SER C 76 2.36 -7.06 -18.41
CA SER C 76 2.50 -8.41 -17.88
C SER C 76 1.42 -8.61 -16.84
N ARG C 77 0.79 -9.78 -16.86
CA ARG C 77 -0.29 -10.08 -15.96
C ARG C 77 -0.18 -11.46 -15.37
N THR C 78 -0.40 -11.55 -14.06
CA THR C 78 -0.30 -12.82 -13.37
C THR C 78 -1.64 -13.18 -12.74
N ASN C 79 -2.26 -14.27 -13.19
CA ASN C 79 -3.53 -14.68 -12.65
C ASN C 79 -3.28 -15.75 -11.60
N TYR C 80 -4.11 -15.76 -10.57
CA TYR C 80 -4.00 -16.72 -9.50
C TYR C 80 -5.30 -16.81 -8.74
N TYR C 81 -5.42 -17.79 -7.85
CA TYR C 81 -6.62 -17.95 -7.04
C TYR C 81 -6.24 -17.87 -5.59
N VAL C 82 -7.10 -17.23 -4.79
CA VAL C 82 -6.83 -17.11 -3.36
C VAL C 82 -7.94 -17.79 -2.61
N THR C 83 -7.64 -18.22 -1.40
CA THR C 83 -8.63 -18.87 -0.54
C THR C 83 -8.35 -18.47 0.91
N ALA C 84 -9.33 -18.69 1.78
CA ALA C 84 -9.23 -18.31 3.17
C ALA C 84 -8.21 -19.05 4.02
N ASP C 85 -7.97 -20.32 3.70
CA ASP C 85 -7.01 -21.07 4.50
C ASP C 85 -5.61 -20.79 4.02
N PRO C 86 -4.72 -20.37 4.93
CA PRO C 86 -3.33 -20.07 4.58
C PRO C 86 -2.53 -21.28 4.07
N LYS C 87 -2.73 -22.44 4.69
CA LYS C 87 -1.99 -23.64 4.26
C LYS C 87 -2.36 -24.11 2.84
N LEU C 88 -3.59 -23.84 2.43
CA LEU C 88 -4.05 -24.22 1.12
C LEU C 88 -3.35 -23.32 0.12
N ILE C 89 -3.21 -22.04 0.49
CA ILE C 89 -2.56 -21.07 -0.37
C ILE C 89 -1.11 -21.47 -0.60
N ARG C 90 -0.44 -21.87 0.48
CA ARG C 90 0.96 -22.27 0.38
C ARG C 90 1.13 -23.47 -0.56
N GLU C 91 0.17 -24.39 -0.54
CA GLU C 91 0.25 -25.57 -1.38
C GLU C 91 -0.10 -25.29 -2.84
N THR C 92 -0.59 -24.10 -3.14
CA THR C 92 -0.98 -23.79 -4.51
C THR C 92 -0.14 -22.72 -5.19
N LEU C 93 0.84 -22.17 -4.48
CA LEU C 93 1.69 -21.11 -5.01
C LEU C 93 2.49 -21.47 -6.25
N SER C 94 2.94 -22.72 -6.35
CA SER C 94 3.74 -23.14 -7.50
C SER C 94 2.93 -23.67 -8.68
N LEU C 95 1.70 -24.08 -8.42
CA LEU C 95 0.86 -24.63 -9.49
C LEU C 95 0.37 -23.56 -10.45
N GLU C 96 -0.23 -24.00 -11.56
CA GLU C 96 -0.78 -23.10 -12.57
C GLU C 96 -2.19 -22.72 -12.14
N PRO C 97 -2.67 -21.55 -12.61
CA PRO C 97 -4.01 -21.07 -12.28
C PRO C 97 -5.08 -22.17 -12.23
N GLU C 98 -5.44 -22.70 -13.38
CA GLU C 98 -6.46 -23.75 -13.45
C GLU C 98 -6.19 -24.83 -12.40
N GLU C 99 -4.91 -25.17 -12.23
CA GLU C 99 -4.49 -26.20 -11.28
C GLU C 99 -4.71 -25.78 -9.82
N GLN C 100 -4.53 -24.49 -9.52
CA GLN C 100 -4.72 -24.02 -8.16
C GLN C 100 -6.20 -24.16 -7.76
N LYS C 101 -7.08 -23.58 -8.57
CA LYS C 101 -8.52 -23.64 -8.33
C LYS C 101 -8.94 -25.07 -8.04
N LYS C 102 -8.37 -25.99 -8.82
CA LYS C 102 -8.65 -27.41 -8.69
C LYS C 102 -8.31 -27.95 -7.30
N VAL C 103 -7.10 -27.70 -6.82
CA VAL C 103 -6.68 -28.19 -5.51
C VAL C 103 -7.43 -27.52 -4.36
N ILE C 104 -7.87 -26.29 -4.58
CA ILE C 104 -8.60 -25.55 -3.55
C ILE C 104 -10.00 -26.13 -3.38
N GLU C 105 -10.74 -26.20 -4.48
CA GLU C 105 -12.09 -26.74 -4.46
C GLU C 105 -12.06 -28.19 -4.01
N ALA C 106 -10.99 -28.90 -4.36
CA ALA C 106 -10.85 -30.29 -3.97
C ALA C 106 -10.57 -30.39 -2.48
N ALA C 107 -11.22 -29.54 -1.71
CA ALA C 107 -11.03 -29.55 -0.26
C ALA C 107 -12.21 -28.81 0.35
N GLY C 108 -13.22 -28.56 -0.47
CA GLY C 108 -14.42 -27.87 -0.01
C GLY C 108 -14.25 -26.39 0.23
N LYS C 109 -13.10 -25.84 -0.17
CA LYS C 109 -12.85 -24.42 0.01
C LYS C 109 -13.27 -23.66 -1.23
N GLU C 110 -13.50 -22.37 -1.05
CA GLU C 110 -13.91 -21.52 -2.16
C GLU C 110 -12.67 -20.97 -2.85
N ALA C 111 -12.74 -20.86 -4.16
CA ALA C 111 -11.61 -20.36 -4.93
C ALA C 111 -11.94 -19.01 -5.56
N LEU C 112 -11.20 -17.98 -5.16
CA LEU C 112 -11.43 -16.65 -5.67
C LEU C 112 -10.37 -16.21 -6.67
N LYS C 113 -10.82 -15.92 -7.88
CA LYS C 113 -9.93 -15.50 -8.97
C LYS C 113 -9.47 -14.05 -8.80
N SER C 114 -8.16 -13.85 -8.84
CA SER C 114 -7.59 -12.53 -8.72
C SER C 114 -6.44 -12.41 -9.72
N TYR C 115 -5.68 -11.31 -9.62
CA TYR C 115 -4.55 -11.09 -10.51
C TYR C 115 -3.80 -9.80 -10.19
N ASN C 116 -2.69 -9.62 -10.87
CA ASN C 116 -1.84 -8.43 -10.73
C ASN C 116 -1.38 -8.00 -12.12
N GLN C 117 -1.48 -6.70 -12.36
CA GLN C 117 -1.11 -6.12 -13.65
C GLN C 117 0.04 -5.14 -13.44
N THR C 118 0.74 -4.85 -14.52
CA THR C 118 1.86 -3.93 -14.51
C THR C 118 1.97 -3.61 -16.00
N ASP C 119 1.63 -2.39 -16.38
CA ASP C 119 1.66 -2.01 -17.79
C ASP C 119 3.01 -2.02 -18.50
N PHE C 120 4.11 -1.94 -17.75
CA PHE C 120 5.41 -1.90 -18.41
C PHE C 120 6.47 -2.85 -17.85
N VAL C 121 6.90 -3.77 -18.70
CA VAL C 121 7.90 -4.75 -18.32
C VAL C 121 8.73 -5.05 -19.55
N LYS C 122 10.04 -5.16 -19.36
CA LYS C 122 10.97 -5.48 -20.44
C LYS C 122 12.32 -5.91 -19.87
N ASP C 123 12.98 -6.82 -20.58
CA ASP C 123 14.28 -7.31 -20.13
C ASP C 123 14.37 -7.46 -18.62
N ARG C 124 13.31 -7.99 -18.02
CA ARG C 124 13.26 -8.21 -16.59
C ARG C 124 13.35 -6.92 -15.78
N VAL C 125 12.60 -5.90 -16.20
CA VAL C 125 12.57 -4.61 -15.52
C VAL C 125 11.10 -4.24 -15.49
N ALA C 126 10.63 -3.67 -14.39
CA ALA C 126 9.22 -3.30 -14.32
C ALA C 126 9.07 -1.84 -13.96
N ILE C 127 8.35 -1.10 -14.79
CA ILE C 127 8.14 0.32 -14.56
C ILE C 127 6.72 0.60 -14.10
N GLU C 128 6.59 1.46 -13.11
CA GLU C 128 5.29 1.81 -12.58
C GLU C 128 5.12 3.31 -12.46
N VAL C 129 4.36 3.90 -13.37
CA VAL C 129 4.13 5.32 -13.29
C VAL C 129 2.98 5.36 -12.30
N GLN C 130 3.24 5.91 -11.12
CA GLN C 130 2.22 5.93 -10.09
C GLN C 130 1.64 7.28 -9.68
N PHE C 131 0.50 7.64 -10.29
CA PHE C 131 -0.16 8.90 -9.95
C PHE C 131 -1.52 8.64 -9.28
N GLY C 132 -1.63 7.56 -8.51
CA GLY C 132 -2.93 7.35 -7.78
C GLY C 132 -2.81 7.47 -6.24
N LYS C 133 -3.94 7.47 -5.53
CA LYS C 133 -3.86 7.46 -4.06
C LYS C 133 -2.54 6.83 -3.62
N TYR C 134 -1.84 7.62 -2.82
CA TYR C 134 -0.51 7.37 -2.28
C TYR C 134 -0.27 5.97 -1.73
N SER C 135 -1.31 5.30 -1.25
CA SER C 135 -1.11 3.97 -0.68
C SER C 135 -0.63 2.98 -1.73
N PHE C 136 -0.89 3.26 -2.99
CA PHE C 136 -0.46 2.37 -4.07
C PHE C 136 1.04 2.26 -4.21
N VAL C 137 1.78 3.23 -3.67
CA VAL C 137 3.22 3.18 -3.79
C VAL C 137 3.77 2.07 -2.90
N ALA C 138 3.26 2.00 -1.68
CA ALA C 138 3.70 0.95 -0.76
C ALA C 138 3.21 -0.38 -1.32
N TYR C 139 2.06 -0.36 -1.97
CA TYR C 139 1.51 -1.58 -2.57
C TYR C 139 2.39 -1.98 -3.74
N ASP C 140 2.80 -1.02 -4.56
CA ASP C 140 3.65 -1.32 -5.70
C ASP C 140 4.98 -1.87 -5.21
N LEU C 141 5.56 -1.20 -4.21
CA LEU C 141 6.86 -1.61 -3.69
C LEU C 141 6.92 -2.91 -2.89
N PHE C 142 6.05 -3.05 -1.89
CA PHE C 142 6.09 -4.25 -1.06
C PHE C 142 5.31 -5.45 -1.57
N VAL C 143 4.41 -5.22 -2.52
CA VAL C 143 3.62 -6.32 -3.06
C VAL C 143 3.94 -6.71 -4.50
N LYS C 144 3.85 -5.77 -5.44
CA LYS C 144 4.10 -6.04 -6.86
C LYS C 144 5.56 -6.22 -7.30
N HIS C 145 6.38 -5.19 -7.22
CA HIS C 145 7.78 -5.36 -7.60
C HIS C 145 8.34 -6.58 -6.84
N MET C 146 8.03 -6.67 -5.56
CA MET C 146 8.50 -7.79 -4.76
C MET C 146 7.98 -9.11 -5.32
N ALA C 147 6.71 -9.14 -5.73
CA ALA C 147 6.13 -10.35 -6.29
C ALA C 147 6.98 -10.82 -7.48
N PHE C 148 7.15 -9.94 -8.46
CA PHE C 148 7.95 -10.25 -9.64
C PHE C 148 9.36 -10.65 -9.25
N TYR C 149 9.96 -9.88 -8.34
CA TYR C 149 11.33 -10.16 -7.93
C TYR C 149 11.51 -11.57 -7.41
N VAL C 150 10.72 -11.98 -6.41
CA VAL C 150 10.84 -13.33 -5.86
C VAL C 150 10.46 -14.37 -6.90
N SER C 151 9.52 -14.04 -7.77
CA SER C 151 9.09 -14.96 -8.81
C SER C 151 10.14 -15.14 -9.89
N ASP C 152 11.23 -14.38 -9.79
CA ASP C 152 12.32 -14.47 -10.76
C ASP C 152 11.84 -14.00 -12.13
N LYS C 153 11.03 -12.94 -12.16
CA LYS C 153 10.53 -12.41 -13.42
C LYS C 153 11.11 -11.05 -13.69
N ILE C 154 11.45 -10.33 -12.63
CA ILE C 154 12.03 -8.99 -12.74
C ILE C 154 13.39 -9.04 -12.04
N ASP C 155 14.26 -8.08 -12.33
CA ASP C 155 15.58 -8.03 -11.70
C ASP C 155 15.75 -6.74 -10.92
N VAL C 156 14.83 -5.80 -11.13
CA VAL C 156 14.85 -4.51 -10.46
C VAL C 156 13.54 -3.80 -10.79
N GLY C 157 12.89 -3.25 -9.79
CA GLY C 157 11.64 -2.56 -10.03
C GLY C 157 11.90 -1.07 -10.13
N VAL C 158 11.20 -0.39 -11.03
CA VAL C 158 11.34 1.05 -11.21
C VAL C 158 10.01 1.67 -10.86
N GLU C 159 10.04 2.70 -10.03
CA GLU C 159 8.81 3.39 -9.62
C GLU C 159 8.99 4.86 -9.90
N ILE C 160 8.12 5.42 -10.73
CA ILE C 160 8.21 6.83 -11.07
C ILE C 160 7.15 7.53 -10.27
N LEU C 161 7.55 8.55 -9.51
CA LEU C 161 6.63 9.33 -8.68
C LEU C 161 6.83 10.81 -8.93
N PRO C 162 5.80 11.63 -8.63
CA PRO C 162 5.89 13.07 -8.82
C PRO C 162 6.46 13.74 -7.56
N MET C 163 7.39 14.69 -7.70
CA MET C 163 7.93 15.37 -6.51
C MET C 163 6.83 16.21 -5.87
N LYS C 164 7.08 16.69 -4.66
CA LYS C 164 6.10 17.50 -3.93
C LYS C 164 5.63 18.74 -4.69
N GLU C 165 6.48 19.28 -5.57
CA GLU C 165 6.12 20.46 -6.35
C GLU C 165 5.19 20.15 -7.51
N LEU C 166 5.05 18.87 -7.83
CA LEU C 166 4.17 18.48 -8.90
C LEU C 166 2.85 17.99 -8.31
N SER C 167 2.95 17.18 -7.25
CA SER C 167 1.76 16.64 -6.61
C SER C 167 1.02 17.78 -5.95
N LYS C 168 1.75 18.86 -5.71
CA LYS C 168 1.18 20.05 -5.08
C LYS C 168 0.22 20.70 -6.08
N GLU C 169 0.24 20.18 -7.30
CA GLU C 169 -0.63 20.70 -8.35
C GLU C 169 -1.49 19.65 -9.04
N MET C 170 -1.69 18.52 -8.37
CA MET C 170 -2.54 17.46 -8.90
C MET C 170 -3.60 17.31 -7.83
N SER C 171 -4.66 16.56 -8.12
CA SER C 171 -5.72 16.40 -7.14
C SER C 171 -5.23 15.81 -5.82
N SER C 172 -6.05 15.97 -4.78
CA SER C 172 -5.70 15.45 -3.46
C SER C 172 -5.58 13.92 -3.47
N GLY C 173 -4.91 13.40 -2.45
CA GLY C 173 -4.73 11.97 -2.34
C GLY C 173 -3.50 11.42 -3.02
N ILE C 174 -2.90 12.16 -3.93
CA ILE C 174 -1.73 11.64 -4.62
C ILE C 174 -0.42 11.75 -3.84
N SER C 175 0.42 10.74 -3.97
CA SER C 175 1.68 10.70 -3.26
C SER C 175 2.70 11.65 -3.86
N TYR C 176 3.83 11.79 -3.17
CA TYR C 176 4.93 12.63 -3.64
C TYR C 176 6.23 11.95 -3.26
N TYR C 177 7.16 11.89 -4.22
CA TYR C 177 8.46 11.27 -4.03
C TYR C 177 9.04 11.38 -2.63
N GLU C 178 9.36 12.60 -2.23
CA GLU C 178 9.96 12.87 -0.93
C GLU C 178 9.39 11.97 0.16
N GLY C 179 8.09 12.03 0.33
CA GLY C 179 7.44 11.21 1.35
C GLY C 179 7.67 9.70 1.18
N GLU C 180 7.32 9.17 0.02
CA GLU C 180 7.48 7.74 -0.22
C GLU C 180 8.92 7.31 -0.01
N LEU C 181 9.88 8.15 -0.38
CA LEU C 181 11.28 7.83 -0.22
C LEU C 181 11.49 7.55 1.27
N TYR C 182 10.84 8.35 2.09
CA TYR C 182 10.94 8.23 3.54
C TYR C 182 10.44 6.87 4.00
N ASN C 183 9.26 6.52 3.53
CA ASN C 183 8.64 5.24 3.88
C ASN C 183 9.62 4.09 3.67
N VAL C 184 10.48 4.21 2.67
CA VAL C 184 11.45 3.15 2.42
C VAL C 184 12.67 3.35 3.31
N ILE C 185 13.22 4.56 3.33
CA ILE C 185 14.39 4.82 4.17
C ILE C 185 14.13 4.59 5.65
N ARG C 186 12.96 5.02 6.10
CA ARG C 186 12.56 4.89 7.49
C ARG C 186 12.88 3.53 8.11
N GLN C 187 12.69 2.48 7.31
CA GLN C 187 12.93 1.11 7.80
C GLN C 187 14.22 0.51 7.30
N GLY C 188 15.34 0.98 7.85
CA GLY C 188 16.64 0.47 7.45
C GLY C 188 16.91 0.67 5.98
N ARG C 189 17.81 -0.13 5.41
CA ARG C 189 18.09 -0.01 4.00
C ARG C 189 18.25 -1.35 3.28
N GLY C 190 17.37 -2.29 3.65
CA GLY C 190 17.37 -3.62 3.05
C GLY C 190 15.91 -4.08 3.03
N VAL C 191 15.03 -3.11 3.21
CA VAL C 191 13.60 -3.37 3.25
C VAL C 191 12.91 -2.35 2.37
N PRO C 192 12.14 -2.80 1.37
CA PRO C 192 11.92 -4.21 1.02
C PRO C 192 13.15 -4.85 0.41
N ALA C 193 13.20 -6.16 0.44
CA ALA C 193 14.34 -6.86 -0.13
C ALA C 193 14.14 -7.09 -1.64
N VAL C 194 14.11 -5.99 -2.38
CA VAL C 194 13.99 -6.03 -3.84
C VAL C 194 14.71 -4.81 -4.40
N PRO C 195 15.58 -5.01 -5.39
CA PRO C 195 16.33 -3.89 -6.00
C PRO C 195 15.30 -2.94 -6.62
N LEU C 196 15.48 -1.64 -6.37
CA LEU C 196 14.55 -0.65 -6.88
C LEU C 196 15.22 0.62 -7.37
N VAL C 197 14.47 1.39 -8.16
CA VAL C 197 14.94 2.67 -8.63
C VAL C 197 13.74 3.60 -8.53
N LEU C 198 13.75 4.45 -7.51
CA LEU C 198 12.68 5.41 -7.31
C LEU C 198 13.11 6.66 -8.06
N ILE C 199 12.26 7.11 -8.98
CA ILE C 199 12.56 8.29 -9.75
C ILE C 199 11.48 9.30 -9.45
N GLY C 200 11.87 10.52 -9.10
CA GLY C 200 10.90 11.55 -8.76
C GLY C 200 10.87 12.71 -9.72
N ILE C 201 10.17 12.52 -10.85
CA ILE C 201 10.05 13.55 -11.88
C ILE C 201 9.19 14.68 -11.35
N ALA C 202 9.21 15.83 -12.01
CA ALA C 202 8.39 16.93 -11.51
C ALA C 202 8.29 18.26 -12.27
N PRO C 203 8.32 18.24 -13.60
CA PRO C 203 8.19 19.59 -14.18
C PRO C 203 6.75 20.08 -14.13
N MET D 1 -21.34 -8.49 14.67
CA MET D 1 -20.64 -9.11 13.52
C MET D 1 -19.92 -10.38 13.95
N ARG D 2 -19.37 -11.15 13.01
CA ARG D 2 -18.69 -12.40 13.35
C ARG D 2 -17.31 -12.54 12.74
N ILE D 3 -16.37 -12.99 13.58
CA ILE D 3 -14.99 -13.20 13.16
C ILE D 3 -14.99 -14.46 12.31
N VAL D 4 -15.13 -14.28 11.00
CA VAL D 4 -15.16 -15.42 10.09
C VAL D 4 -13.79 -16.09 9.92
N GLU D 5 -12.75 -15.28 9.75
CA GLU D 5 -11.39 -15.79 9.55
C GLU D 5 -10.40 -15.05 10.43
N VAL D 6 -9.36 -15.75 10.85
CA VAL D 6 -8.32 -15.14 11.68
C VAL D 6 -6.94 -15.76 11.38
N TYR D 7 -6.02 -14.95 10.90
CA TYR D 7 -4.67 -15.41 10.59
C TYR D 7 -3.65 -14.79 11.52
N SER D 8 -2.69 -15.57 11.97
CA SER D 8 -1.66 -15.08 12.87
C SER D 8 -0.28 -15.08 12.20
N HIS D 9 0.24 -13.89 11.94
CA HIS D 9 1.54 -13.74 11.30
C HIS D 9 2.63 -13.62 12.35
N LEU D 10 3.69 -14.41 12.16
CA LEU D 10 4.81 -14.45 13.11
C LEU D 10 4.37 -14.47 14.57
N ASN D 11 3.39 -15.33 14.86
CA ASN D 11 2.86 -15.50 16.22
C ASN D 11 2.26 -14.24 16.84
N GLY D 12 1.61 -13.42 16.03
CA GLY D 12 1.03 -12.21 16.56
C GLY D 12 -0.11 -12.46 17.54
N LEU D 13 -0.90 -13.48 17.27
CA LEU D 13 -2.02 -13.79 18.15
C LEU D 13 -1.54 -14.45 19.43
N GLU D 14 -0.66 -15.43 19.32
CA GLU D 14 -0.16 -16.11 20.51
C GLU D 14 0.49 -15.13 21.47
N TYR D 15 1.00 -14.02 20.94
CA TYR D 15 1.61 -13.01 21.83
C TYR D 15 0.50 -12.36 22.67
N ILE D 16 -0.59 -11.97 22.02
CA ILE D 16 -1.69 -11.36 22.73
C ILE D 16 -2.25 -12.33 23.78
N GLN D 17 -2.50 -13.57 23.36
CA GLN D 17 -3.04 -14.60 24.24
C GLN D 17 -2.26 -14.80 25.52
N VAL D 18 -0.94 -14.77 25.43
CA VAL D 18 -0.09 -14.98 26.59
C VAL D 18 0.17 -13.74 27.45
N HIS D 19 0.16 -12.54 26.86
CA HIS D 19 0.43 -11.34 27.66
C HIS D 19 -0.78 -10.42 27.89
N LEU D 20 -1.78 -10.48 27.01
CA LEU D 20 -2.94 -9.64 27.16
C LEU D 20 -4.19 -10.44 26.82
N PRO D 21 -4.28 -11.67 27.34
CA PRO D 21 -5.45 -12.49 27.03
C PRO D 21 -6.77 -11.74 27.06
N HIS D 22 -6.87 -10.73 27.91
CA HIS D 22 -8.11 -9.97 27.99
C HIS D 22 -8.35 -9.13 26.77
N ILE D 23 -7.27 -8.68 26.15
CA ILE D 23 -7.38 -7.87 24.94
C ILE D 23 -8.03 -8.71 23.85
N TRP D 24 -7.60 -9.96 23.75
CA TRP D 24 -8.16 -10.83 22.74
C TRP D 24 -9.67 -10.94 22.96
N GLU D 25 -10.09 -11.13 24.22
CA GLU D 25 -11.51 -11.21 24.54
C GLU D 25 -12.17 -9.92 24.05
N GLU D 26 -11.66 -8.82 24.56
CA GLU D 26 -12.15 -7.50 24.23
C GLU D 26 -12.39 -7.31 22.73
N ILE D 27 -11.36 -7.57 21.94
CA ILE D 27 -11.45 -7.43 20.49
C ILE D 27 -12.57 -8.28 19.91
N GLN D 28 -12.63 -9.55 20.31
CA GLN D 28 -13.66 -10.46 19.83
C GLN D 28 -15.05 -9.95 20.20
N GLU D 29 -15.22 -9.60 21.48
CA GLU D 29 -16.48 -9.10 21.98
C GLU D 29 -16.92 -7.90 21.15
N ILE D 30 -16.03 -6.92 21.05
CA ILE D 30 -16.33 -5.73 20.30
C ILE D 30 -16.84 -6.05 18.90
N ILE D 31 -16.16 -6.96 18.21
CA ILE D 31 -16.58 -7.32 16.87
C ILE D 31 -17.97 -7.95 16.85
N VAL D 32 -18.20 -8.91 17.75
CA VAL D 32 -19.48 -9.61 17.82
C VAL D 32 -20.67 -8.70 18.17
N SER D 33 -20.40 -7.61 18.89
CA SER D 33 -21.44 -6.68 19.32
C SER D 33 -21.98 -5.73 18.24
N ILE D 34 -21.16 -5.37 17.26
CA ILE D 34 -21.59 -4.45 16.22
C ILE D 34 -22.66 -5.05 15.31
N ASP D 35 -23.74 -4.31 15.07
CA ASP D 35 -24.81 -4.79 14.20
C ASP D 35 -24.53 -4.23 12.83
N ALA D 36 -23.93 -5.05 11.97
CA ALA D 36 -23.62 -4.60 10.62
C ALA D 36 -24.86 -4.18 9.84
N GLU D 37 -25.96 -4.91 10.05
CA GLU D 37 -27.20 -4.61 9.34
C GLU D 37 -27.69 -3.20 9.61
N ALA D 38 -27.35 -2.68 10.79
CA ALA D 38 -27.74 -1.32 11.15
C ALA D 38 -26.86 -0.32 10.39
N CYS D 39 -25.76 -0.83 9.84
CA CYS D 39 -24.83 0.01 9.09
C CYS D 39 -25.05 -0.06 7.59
N ARG D 40 -26.13 -0.72 7.17
CA ARG D 40 -26.44 -0.84 5.74
C ARG D 40 -27.23 0.38 5.27
N THR D 41 -26.55 1.51 5.10
CA THR D 41 -27.21 2.75 4.70
C THR D 41 -26.76 3.42 3.40
N LYS D 42 -25.56 3.13 2.94
CA LYS D 42 -25.04 3.74 1.72
C LYS D 42 -25.73 3.26 0.44
N GLU D 43 -26.24 4.20 -0.34
CA GLU D 43 -26.89 3.88 -1.61
C GLU D 43 -25.88 4.09 -2.71
N SER D 44 -25.31 3.01 -3.21
CA SER D 44 -24.31 3.13 -4.26
C SER D 44 -24.77 4.02 -5.39
N LYS D 45 -23.83 4.75 -5.99
CA LYS D 45 -24.12 5.65 -7.09
C LYS D 45 -23.31 5.29 -8.32
N GLU D 46 -22.63 4.15 -8.27
CA GLU D 46 -21.82 3.70 -9.40
C GLU D 46 -22.77 3.25 -10.51
N LYS D 47 -22.34 3.39 -11.76
CA LYS D 47 -23.17 2.97 -12.90
C LYS D 47 -23.48 1.47 -12.86
N THR D 48 -22.58 0.67 -12.29
CA THR D 48 -22.78 -0.77 -12.23
C THR D 48 -23.66 -1.28 -11.08
N LYS D 49 -23.68 -0.56 -9.96
CA LYS D 49 -24.49 -1.00 -8.83
C LYS D 49 -25.70 -0.10 -8.59
N GLN D 50 -26.09 0.62 -9.64
CA GLN D 50 -27.21 1.54 -9.61
C GLN D 50 -28.36 1.11 -8.70
N GLY D 51 -28.82 2.03 -7.87
CA GLY D 51 -29.93 1.75 -6.96
C GLY D 51 -29.81 0.51 -6.08
N GLN D 52 -28.63 0.31 -5.48
CA GLN D 52 -28.42 -0.84 -4.61
C GLN D 52 -28.06 -0.33 -3.22
N ILE D 53 -28.36 -1.13 -2.19
CA ILE D 53 -28.06 -0.71 -0.83
C ILE D 53 -26.90 -1.50 -0.25
N LEU D 54 -25.78 -0.81 -0.05
CA LEU D 54 -24.55 -1.41 0.48
C LEU D 54 -24.31 -1.07 1.95
N TYR D 55 -23.33 -1.73 2.56
CA TYR D 55 -22.98 -1.44 3.95
C TYR D 55 -22.08 -0.20 3.90
N SER D 56 -22.25 0.70 4.86
CA SER D 56 -21.46 1.94 4.91
C SER D 56 -20.19 1.86 5.73
N PRO D 57 -19.04 2.15 5.10
CA PRO D 57 -17.76 2.12 5.80
C PRO D 57 -17.79 3.20 6.88
N VAL D 58 -18.53 4.25 6.60
CA VAL D 58 -18.66 5.36 7.52
C VAL D 58 -19.37 4.89 8.78
N ALA D 59 -20.44 4.14 8.59
CA ALA D 59 -21.20 3.64 9.72
C ALA D 59 -20.41 2.60 10.48
N LEU D 60 -19.83 1.65 9.74
CA LEU D 60 -19.05 0.59 10.34
C LEU D 60 -17.87 1.16 11.13
N ASN D 61 -17.30 2.27 10.66
CA ASN D 61 -16.19 2.88 11.35
C ASN D 61 -16.65 3.54 12.66
N GLU D 62 -17.76 4.27 12.58
CA GLU D 62 -18.34 4.93 13.76
C GLU D 62 -18.64 3.88 14.82
N ALA D 63 -19.13 2.74 14.37
CA ALA D 63 -19.48 1.65 15.27
C ALA D 63 -18.23 1.16 16.01
N PHE D 64 -17.15 0.95 15.25
CA PHE D 64 -15.88 0.47 15.82
C PHE D 64 -15.23 1.51 16.74
N LYS D 65 -15.24 2.77 16.31
CA LYS D 65 -14.63 3.84 17.10
C LYS D 65 -15.25 3.93 18.49
N GLU D 66 -16.54 4.22 18.50
CA GLU D 66 -17.33 4.35 19.72
C GLU D 66 -17.01 3.21 20.68
N LYS D 67 -17.17 1.99 20.20
CA LYS D 67 -16.91 0.80 21.01
C LYS D 67 -15.47 0.72 21.51
N LEU D 68 -14.51 0.82 20.59
CA LEU D 68 -13.09 0.73 20.95
C LEU D 68 -12.58 1.82 21.88
N GLU D 69 -12.95 3.07 21.63
CA GLU D 69 -12.52 4.14 22.50
C GLU D 69 -13.09 3.88 23.88
N ALA D 70 -14.34 3.45 23.91
CA ALA D 70 -15.00 3.14 25.18
C ALA D 70 -14.20 2.13 25.98
N LYS D 71 -13.40 1.31 25.30
CA LYS D 71 -12.60 0.32 25.99
C LYS D 71 -11.20 0.78 26.34
N GLY D 72 -10.89 2.03 26.03
CA GLY D 72 -9.57 2.56 26.35
C GLY D 72 -8.60 2.69 25.19
N TRP D 73 -8.99 2.26 24.00
CA TRP D 73 -8.11 2.37 22.85
C TRP D 73 -8.04 3.81 22.42
N LYS D 74 -6.84 4.38 22.47
CA LYS D 74 -6.63 5.79 22.11
C LYS D 74 -5.85 5.90 20.80
N GLU D 75 -5.87 7.09 20.21
CA GLU D 75 -5.17 7.32 18.95
C GLU D 75 -3.71 7.66 19.21
N SER D 76 -2.88 7.39 18.22
CA SER D 76 -1.46 7.68 18.32
C SER D 76 -1.00 8.32 17.01
N ARG D 77 -0.20 9.37 17.13
CA ARG D 77 0.26 10.10 15.97
C ARG D 77 1.75 10.40 16.03
N THR D 78 2.43 10.17 14.92
CA THR D 78 3.86 10.41 14.84
C THR D 78 4.16 11.46 13.80
N ASN D 79 4.69 12.60 14.22
CA ASN D 79 5.01 13.65 13.28
C ASN D 79 6.49 13.55 12.94
N TYR D 80 6.83 13.91 11.71
CA TYR D 80 8.21 13.87 11.26
C TYR D 80 8.37 14.74 10.01
N TYR D 81 9.61 14.96 9.61
CA TYR D 81 9.88 15.76 8.40
C TYR D 81 10.63 14.91 7.40
N VAL D 82 10.32 15.07 6.13
CA VAL D 82 10.98 14.30 5.10
C VAL D 82 11.68 15.27 4.17
N THR D 83 12.72 14.78 3.50
CA THR D 83 13.46 15.59 2.54
C THR D 83 13.92 14.69 1.40
N ALA D 84 14.32 15.31 0.30
CA ALA D 84 14.73 14.59 -0.90
C ALA D 84 16.01 13.77 -0.79
N ASP D 85 16.97 14.23 -0.01
CA ASP D 85 18.22 13.49 0.11
C ASP D 85 18.07 12.36 1.11
N PRO D 86 18.36 11.13 0.68
CA PRO D 86 18.26 9.98 1.57
C PRO D 86 19.20 10.01 2.78
N LYS D 87 20.43 10.48 2.59
CA LYS D 87 21.38 10.52 3.71
C LYS D 87 20.98 11.50 4.81
N LEU D 88 20.27 12.55 4.43
CA LEU D 88 19.81 13.55 5.37
C LEU D 88 18.72 12.91 6.20
N ILE D 89 17.87 12.12 5.55
CA ILE D 89 16.76 11.45 6.22
C ILE D 89 17.31 10.49 7.27
N ARG D 90 18.35 9.75 6.90
CA ARG D 90 18.96 8.79 7.81
C ARG D 90 19.51 9.47 9.05
N GLU D 91 20.06 10.67 8.87
CA GLU D 91 20.64 11.41 9.98
C GLU D 91 19.59 12.08 10.87
N THR D 92 18.34 12.07 10.43
CA THR D 92 17.30 12.71 11.22
C THR D 92 16.26 11.77 11.83
N LEU D 93 16.39 10.49 11.56
CA LEU D 93 15.43 9.51 12.06
C LEU D 93 15.29 9.41 13.58
N SER D 94 16.37 9.61 14.31
CA SER D 94 16.32 9.52 15.76
C SER D 94 15.99 10.83 16.47
N LEU D 95 16.18 11.97 15.80
CA LEU D 95 15.90 13.26 16.42
C LEU D 95 14.42 13.53 16.57
N GLU D 96 14.09 14.59 17.30
CA GLU D 96 12.71 15.00 17.50
C GLU D 96 12.27 15.86 16.32
N PRO D 97 10.97 15.91 16.04
CA PRO D 97 10.42 16.70 14.93
C PRO D 97 11.11 18.06 14.73
N GLU D 98 10.90 19.00 15.65
CA GLU D 98 11.51 20.32 15.56
C GLU D 98 13.00 20.20 15.23
N GLU D 99 13.66 19.24 15.85
CA GLU D 99 15.10 19.01 15.66
C GLU D 99 15.44 18.52 14.24
N GLN D 100 14.57 17.70 13.67
CA GLN D 100 14.79 17.18 12.32
C GLN D 100 14.78 18.33 11.31
N LYS D 101 13.68 19.09 11.31
CA LYS D 101 13.53 20.24 10.41
C LYS D 101 14.77 21.11 10.47
N LYS D 102 15.28 21.32 11.69
CA LYS D 102 16.47 22.12 11.93
C LYS D 102 17.70 21.60 11.18
N VAL D 103 18.01 20.32 11.35
CA VAL D 103 19.16 19.73 10.67
C VAL D 103 19.01 19.69 9.15
N ILE D 104 17.77 19.57 8.68
CA ILE D 104 17.51 19.52 7.24
C ILE D 104 17.76 20.89 6.59
N GLU D 105 17.09 21.90 7.12
CA GLU D 105 17.24 23.24 6.60
C GLU D 105 18.69 23.70 6.76
N ALA D 106 19.35 23.23 7.82
CA ALA D 106 20.74 23.58 8.07
C ALA D 106 21.63 22.88 7.06
N ALA D 107 21.17 22.78 5.83
CA ALA D 107 21.94 22.14 4.77
C ALA D 107 21.34 22.58 3.45
N GLY D 108 20.51 23.61 3.51
CA GLY D 108 19.89 24.15 2.31
C GLY D 108 18.80 23.29 1.69
N LYS D 109 18.43 22.23 2.39
CA LYS D 109 17.40 21.35 1.89
C LYS D 109 16.04 21.79 2.39
N GLU D 110 15.00 21.36 1.69
CA GLU D 110 13.65 21.72 2.08
C GLU D 110 13.14 20.69 3.07
N ALA D 111 12.35 21.14 4.03
CA ALA D 111 11.80 20.23 5.04
C ALA D 111 10.29 20.13 4.90
N LEU D 112 9.80 18.93 4.61
CA LEU D 112 8.38 18.71 4.45
C LEU D 112 7.75 17.98 5.63
N LYS D 113 6.80 18.64 6.27
CA LYS D 113 6.11 18.08 7.43
C LYS D 113 5.10 17.02 7.03
N SER D 114 5.21 15.86 7.64
CA SER D 114 4.29 14.76 7.38
C SER D 114 3.93 14.10 8.71
N TYR D 115 3.25 12.96 8.63
CA TYR D 115 2.87 12.22 9.83
C TYR D 115 2.14 10.92 9.50
N ASN D 116 1.88 10.15 10.56
CA ASN D 116 1.18 8.87 10.46
C ASN D 116 0.23 8.77 11.63
N GLN D 117 -1.01 8.39 11.33
CA GLN D 117 -2.05 8.26 12.34
C GLN D 117 -2.49 6.82 12.43
N THR D 118 -3.11 6.47 13.55
CA THR D 118 -3.62 5.13 13.82
C THR D 118 -4.62 5.40 14.93
N ASP D 119 -5.91 5.31 14.62
CA ASP D 119 -6.93 5.59 15.64
C ASP D 119 -6.97 4.70 16.87
N PHE D 120 -6.41 3.50 16.82
CA PHE D 120 -6.49 2.62 17.98
C PHE D 120 -5.19 1.96 18.39
N VAL D 121 -4.74 2.30 19.59
CA VAL D 121 -3.50 1.76 20.13
C VAL D 121 -3.67 1.60 21.64
N LYS D 122 -3.21 0.47 22.17
CA LYS D 122 -3.28 0.22 23.60
C LYS D 122 -2.32 -0.89 23.98
N ASP D 123 -1.76 -0.81 25.18
CA ASP D 123 -0.83 -1.83 25.66
C ASP D 123 0.09 -2.35 24.56
N ARG D 124 0.58 -1.44 23.73
CA ARG D 124 1.48 -1.80 22.64
C ARG D 124 0.82 -2.71 21.62
N VAL D 125 -0.41 -2.37 21.22
CA VAL D 125 -1.14 -3.14 20.23
C VAL D 125 -1.78 -2.11 19.33
N ALA D 126 -1.78 -2.33 18.02
CA ALA D 126 -2.38 -1.36 17.13
C ALA D 126 -3.45 -1.98 16.27
N ILE D 127 -4.66 -1.42 16.31
CA ILE D 127 -5.77 -1.93 15.53
C ILE D 127 -6.08 -1.01 14.36
N GLU D 128 -6.33 -1.61 13.21
CA GLU D 128 -6.64 -0.87 12.02
C GLU D 128 -7.88 -1.42 11.32
N VAL D 129 -9.00 -0.76 11.48
CA VAL D 129 -10.20 -1.21 10.79
C VAL D 129 -10.01 -0.61 9.42
N GLN D 130 -9.79 -1.47 8.43
CA GLN D 130 -9.53 -0.98 7.09
C GLN D 130 -10.59 -1.22 6.02
N PHE D 131 -11.45 -0.23 5.79
CA PHE D 131 -12.48 -0.34 4.76
C PHE D 131 -12.23 0.68 3.62
N GLY D 132 -10.96 0.98 3.32
CA GLY D 132 -10.65 1.93 2.27
C GLY D 132 -10.00 1.28 1.08
N LYS D 133 -9.58 2.07 0.08
CA LYS D 133 -8.95 1.53 -1.12
C LYS D 133 -7.97 0.41 -0.75
N TYR D 134 -8.21 -0.78 -1.27
CA TYR D 134 -7.40 -1.97 -0.97
C TYR D 134 -5.88 -1.77 -0.83
N SER D 135 -5.33 -0.77 -1.50
CA SER D 135 -3.89 -0.56 -1.40
C SER D 135 -3.49 -0.17 0.03
N PHE D 136 -4.43 0.35 0.80
CA PHE D 136 -4.12 0.75 2.17
C PHE D 136 -3.76 -0.41 3.07
N VAL D 137 -4.13 -1.63 2.68
CA VAL D 137 -3.82 -2.77 3.54
C VAL D 137 -2.34 -3.05 3.48
N ALA D 138 -1.77 -2.99 2.29
CA ALA D 138 -0.34 -3.23 2.14
C ALA D 138 0.38 -2.06 2.81
N TYR D 139 -0.23 -0.88 2.74
CA TYR D 139 0.35 0.31 3.35
C TYR D 139 0.31 0.14 4.86
N ASP D 140 -0.83 -0.32 5.37
CA ASP D 140 -0.96 -0.51 6.81
C ASP D 140 0.06 -1.55 7.28
N LEU D 141 0.14 -2.65 6.56
CA LEU D 141 1.03 -3.74 6.93
C LEU D 141 2.54 -3.48 6.78
N PHE D 142 2.97 -3.05 5.59
CA PHE D 142 4.40 -2.85 5.36
C PHE D 142 4.96 -1.50 5.78
N VAL D 143 4.09 -0.53 6.03
CA VAL D 143 4.54 0.80 6.42
C VAL D 143 4.22 1.19 7.86
N LYS D 144 2.94 1.19 8.24
CA LYS D 144 2.51 1.58 9.58
C LYS D 144 2.76 0.59 10.72
N HIS D 145 2.13 -0.58 10.70
CA HIS D 145 2.40 -1.53 11.77
C HIS D 145 3.91 -1.73 11.89
N MET D 146 4.57 -1.87 10.74
CA MET D 146 6.02 -2.06 10.74
C MET D 146 6.71 -0.85 11.38
N ALA D 147 6.24 0.36 11.06
CA ALA D 147 6.85 1.55 11.63
C ALA D 147 6.83 1.43 13.15
N PHE D 148 5.63 1.28 13.70
CA PHE D 148 5.48 1.15 15.15
C PHE D 148 6.34 0.00 15.69
N TYR D 149 6.31 -1.13 15.00
CA TYR D 149 7.04 -2.28 15.47
C TYR D 149 8.53 -2.01 15.64
N VAL D 150 9.18 -1.50 14.59
CA VAL D 150 10.62 -1.22 14.68
C VAL D 150 10.86 -0.09 15.67
N SER D 151 9.92 0.85 15.76
CA SER D 151 10.08 1.97 16.68
C SER D 151 9.93 1.53 18.13
N ASP D 152 9.61 0.24 18.34
CA ASP D 152 9.44 -0.29 19.70
C ASP D 152 8.23 0.38 20.38
N LYS D 153 7.16 0.61 19.62
CA LYS D 153 5.97 1.22 20.19
C LYS D 153 4.81 0.23 20.25
N ILE D 154 4.83 -0.72 19.32
CA ILE D 154 3.80 -1.73 19.24
C ILE D 154 4.51 -3.09 19.40
N ASP D 155 3.76 -4.13 19.73
CA ASP D 155 4.32 -5.47 19.88
C ASP D 155 3.67 -6.45 18.91
N VAL D 156 2.59 -6.02 18.29
CA VAL D 156 1.86 -6.83 17.33
C VAL D 156 0.82 -5.93 16.69
N GLY D 157 0.70 -5.99 15.38
CA GLY D 157 -0.29 -5.17 14.70
C GLY D 157 -1.51 -5.99 14.40
N VAL D 158 -2.69 -5.38 14.52
CA VAL D 158 -3.94 -6.06 14.24
C VAL D 158 -4.59 -5.35 13.08
N GLU D 159 -5.02 -6.10 12.08
CA GLU D 159 -5.66 -5.53 10.90
C GLU D 159 -7.00 -6.22 10.71
N ILE D 160 -8.07 -5.46 10.75
CA ILE D 160 -9.41 -6.02 10.57
C ILE D 160 -9.86 -5.72 9.14
N LEU D 161 -10.21 -6.77 8.40
CA LEU D 161 -10.65 -6.62 7.03
C LEU D 161 -11.97 -7.34 6.81
N PRO D 162 -12.73 -6.94 5.78
CA PRO D 162 -14.01 -7.58 5.48
C PRO D 162 -13.80 -8.76 4.53
N MET D 163 -14.46 -9.88 4.79
CA MET D 163 -14.31 -11.06 3.89
C MET D 163 -14.92 -10.73 2.53
N LYS D 164 -14.64 -11.56 1.54
CA LYS D 164 -15.15 -11.34 0.19
C LYS D 164 -16.69 -11.23 0.14
N GLU D 165 -17.38 -11.86 1.10
CA GLU D 165 -18.84 -11.83 1.11
C GLU D 165 -19.37 -10.52 1.67
N LEU D 166 -18.50 -9.74 2.28
CA LEU D 166 -18.91 -8.46 2.83
C LEU D 166 -18.51 -7.36 1.86
N SER D 167 -17.28 -7.45 1.35
CA SER D 167 -16.79 -6.45 0.42
C SER D 167 -17.58 -6.56 -0.87
N LYS D 168 -18.19 -7.73 -1.07
CA LYS D 168 -19.01 -7.97 -2.26
C LYS D 168 -20.26 -7.12 -2.17
N GLU D 169 -20.45 -6.48 -1.01
CA GLU D 169 -21.60 -5.62 -0.80
C GLU D 169 -21.26 -4.21 -0.32
N MET D 170 -20.05 -3.79 -0.56
CA MET D 170 -19.60 -2.44 -0.22
C MET D 170 -19.18 -1.85 -1.55
N SER D 171 -18.95 -0.55 -1.60
CA SER D 171 -18.56 0.07 -2.85
C SER D 171 -17.29 -0.52 -3.45
N SER D 172 -17.08 -0.27 -4.74
CA SER D 172 -15.91 -0.79 -5.44
C SER D 172 -14.62 -0.24 -4.84
N GLY D 173 -13.52 -0.92 -5.11
CA GLY D 173 -12.23 -0.46 -4.63
C GLY D 173 -11.82 -1.02 -3.28
N ILE D 174 -12.77 -1.51 -2.50
CA ILE D 174 -12.42 -2.04 -1.19
C ILE D 174 -11.81 -3.44 -1.20
N SER D 175 -10.84 -3.65 -0.33
CA SER D 175 -10.16 -4.93 -0.24
C SER D 175 -11.03 -6.00 0.43
N TYR D 176 -10.55 -7.24 0.40
CA TYR D 176 -11.23 -8.36 1.04
C TYR D 176 -10.17 -9.28 1.62
N TYR D 177 -10.40 -9.70 2.86
CA TYR D 177 -9.48 -10.57 3.61
C TYR D 177 -8.72 -11.57 2.75
N GLU D 178 -9.48 -12.51 2.18
CA GLU D 178 -8.92 -13.57 1.35
C GLU D 178 -7.75 -13.09 0.52
N GLY D 179 -8.00 -12.06 -0.29
CA GLY D 179 -6.95 -11.53 -1.14
C GLY D 179 -5.73 -10.99 -0.41
N GLU D 180 -5.96 -10.08 0.54
CA GLU D 180 -4.85 -9.51 1.29
C GLU D 180 -4.05 -10.61 2.00
N LEU D 181 -4.74 -11.62 2.50
CA LEU D 181 -4.06 -12.72 3.18
C LEU D 181 -3.02 -13.27 2.19
N TYR D 182 -3.42 -13.38 0.94
CA TYR D 182 -2.57 -13.90 -0.11
C TYR D 182 -1.33 -13.05 -0.26
N ASN D 183 -1.54 -11.74 -0.35
CA ASN D 183 -0.44 -10.80 -0.51
C ASN D 183 0.64 -11.02 0.54
N VAL D 184 0.24 -11.46 1.72
CA VAL D 184 1.20 -11.72 2.77
C VAL D 184 1.76 -13.13 2.60
N ILE D 185 0.88 -14.11 2.44
CA ILE D 185 1.36 -15.49 2.30
C ILE D 185 2.24 -15.69 1.07
N ARG D 186 1.85 -15.05 -0.04
CA ARG D 186 2.58 -15.14 -1.29
C ARG D 186 4.10 -15.01 -1.15
N GLN D 187 4.54 -14.14 -0.26
CA GLN D 187 5.96 -13.90 -0.07
C GLN D 187 6.54 -14.55 1.18
N GLY D 188 6.64 -15.87 1.17
CA GLY D 188 7.16 -16.59 2.31
C GLY D 188 6.31 -16.40 3.56
N ARG D 189 6.92 -16.61 4.72
CA ARG D 189 6.16 -16.42 5.94
C ARG D 189 6.95 -15.73 7.04
N GLY D 190 7.72 -14.72 6.64
CA GLY D 190 8.52 -13.93 7.56
C GLY D 190 8.55 -12.52 7.01
N VAL D 191 7.64 -12.26 6.08
CA VAL D 191 7.53 -10.96 5.44
C VAL D 191 6.08 -10.53 5.43
N PRO D 192 5.78 -9.35 6.01
CA PRO D 192 6.72 -8.42 6.65
C PRO D 192 7.24 -8.95 7.97
N ALA D 193 8.37 -8.43 8.42
CA ALA D 193 8.91 -8.89 9.69
C ALA D 193 8.31 -8.11 10.87
N VAL D 194 7.01 -8.30 11.06
CA VAL D 194 6.28 -7.70 12.17
C VAL D 194 5.13 -8.64 12.55
N PRO D 195 5.01 -8.96 13.84
CA PRO D 195 3.94 -9.84 14.32
C PRO D 195 2.60 -9.20 13.95
N LEU D 196 1.69 -10.00 13.41
CA LEU D 196 0.39 -9.48 13.02
C LEU D 196 -0.76 -10.43 13.29
N VAL D 197 -1.96 -9.87 13.27
CA VAL D 197 -3.16 -10.66 13.45
C VAL D 197 -4.15 -10.08 12.44
N LEU D 198 -4.36 -10.81 11.35
CA LEU D 198 -5.30 -10.40 10.32
C LEU D 198 -6.63 -11.05 10.69
N ILE D 199 -7.67 -10.23 10.85
CA ILE D 199 -8.98 -10.74 11.22
C ILE D 199 -9.91 -10.39 10.09
N GLY D 200 -10.64 -11.38 9.58
CA GLY D 200 -11.55 -11.12 8.48
C GLY D 200 -13.00 -11.25 8.84
N ILE D 201 -13.57 -10.21 9.44
CA ILE D 201 -14.98 -10.20 9.83
C ILE D 201 -15.85 -10.16 8.58
N ALA D 202 -17.15 -10.45 8.73
CA ALA D 202 -17.99 -10.42 7.53
C ALA D 202 -19.50 -10.64 7.63
N PRO D 203 -20.14 -10.22 8.72
CA PRO D 203 -21.58 -10.50 8.64
C PRO D 203 -22.31 -9.52 7.72
#